data_2FPE
#
_entry.id   2FPE
#
_cell.length_a   75.594
_cell.length_b   81.591
_cell.length_c   89.733
_cell.angle_alpha   90.00
_cell.angle_beta   90.00
_cell.angle_gamma   90.00
#
_symmetry.space_group_name_H-M   'P 21 21 2'
#
loop_
_entity.id
_entity.type
_entity.pdbx_description
1 polymer 'C-jun-amino-terminal kinase interacting protein 1'
2 non-polymer 'SULFATE ION'
3 non-polymer 'HEXAETHYLENE GLYCOL'
4 non-polymer 'SULFUR DIOXIDE'
5 water water
#
_entity_poly.entity_id   1
_entity_poly.type   'polypeptide(L)'
_entity_poly.pdbx_seq_one_letter_code
;GSEQTHRAIFRFVPRHEDELELEVDDPLLVELQAEDYWYEAYN(MSE)RTGARGVFPAYYAIEVTK
;
_entity_poly.pdbx_strand_id   A,B,C,D,E,F,G,H
#
# COMPACT_ATOMS: atom_id res chain seq x y z
N GLY A 1 -15.15 24.43 15.92
CA GLY A 1 -15.85 23.67 14.84
C GLY A 1 -15.48 22.20 14.80
N SER A 2 -15.34 21.59 15.97
CA SER A 2 -14.97 20.17 16.05
C SER A 2 -16.19 19.31 16.36
N GLU A 3 -17.33 19.65 15.77
CA GLU A 3 -18.55 18.90 15.99
C GLU A 3 -18.58 17.61 15.18
N GLN A 4 -19.31 16.61 15.68
CA GLN A 4 -19.43 15.32 15.00
C GLN A 4 -20.02 15.49 13.60
N THR A 5 -19.50 14.71 12.65
CA THR A 5 -19.98 14.77 11.29
C THR A 5 -20.53 13.42 10.82
N HIS A 6 -19.98 12.34 11.36
CA HIS A 6 -20.40 10.99 10.97
C HIS A 6 -20.42 10.03 12.15
N ARG A 7 -20.82 8.79 11.86
CA ARG A 7 -20.83 7.74 12.86
C ARG A 7 -20.50 6.42 12.17
N ALA A 8 -19.61 5.65 12.79
CA ALA A 8 -19.20 4.37 12.23
C ALA A 8 -20.32 3.35 12.41
N ILE A 9 -20.60 2.58 11.37
CA ILE A 9 -21.66 1.58 11.46
C ILE A 9 -21.14 0.15 11.35
N PHE A 10 -19.87 -0.01 11.00
CA PHE A 10 -19.26 -1.34 10.89
C PHE A 10 -17.93 -1.36 11.65
N ARG A 11 -17.56 -2.53 12.13
CA ARG A 11 -16.30 -2.70 12.86
C ARG A 11 -15.15 -2.65 11.86
N PHE A 12 -14.14 -1.83 12.14
CA PHE A 12 -12.98 -1.74 11.26
C PHE A 12 -11.69 -1.86 12.04
N VAL A 13 -10.96 -2.95 11.78
CA VAL A 13 -9.69 -3.22 12.44
C VAL A 13 -8.58 -2.95 11.42
N PRO A 14 -7.78 -1.92 11.66
CA PRO A 14 -6.68 -1.56 10.76
C PRO A 14 -5.72 -2.68 10.41
N ARG A 15 -5.27 -2.67 9.15
CA ARG A 15 -4.28 -3.63 8.67
C ARG A 15 -3.11 -2.78 8.21
N HIS A 16 -3.37 -1.49 8.08
CA HIS A 16 -2.35 -0.54 7.64
C HIS A 16 -2.20 0.57 8.68
N GLU A 17 -0.97 1.04 8.86
CA GLU A 17 -0.68 2.04 9.87
C GLU A 17 -1.35 3.41 9.74
N ASP A 18 -1.86 3.73 8.56
CA ASP A 18 -2.51 5.03 8.35
C ASP A 18 -4.02 4.97 8.63
N GLU A 19 -4.53 3.77 8.90
CA GLU A 19 -5.95 3.61 9.15
C GLU A 19 -6.41 3.93 10.55
N LEU A 20 -7.68 4.28 10.66
CA LEU A 20 -8.31 4.61 11.94
C LEU A 20 -9.20 3.46 12.38
N GLU A 21 -8.95 2.94 13.56
CA GLU A 21 -9.77 1.83 14.05
C GLU A 21 -11.16 2.32 14.38
N LEU A 22 -12.16 1.50 14.06
CA LEU A 22 -13.55 1.87 14.32
C LEU A 22 -14.35 0.79 15.02
N GLU A 23 -15.22 1.23 15.92
N GLU A 23 -15.21 1.21 15.93
CA GLU A 23 -16.11 0.33 16.64
CA GLU A 23 -16.11 0.30 16.63
C GLU A 23 -17.50 0.80 16.25
C GLU A 23 -17.50 0.80 16.27
N VAL A 24 -18.44 -0.13 16.11
CA VAL A 24 -19.79 0.26 15.74
C VAL A 24 -20.28 1.36 16.68
N ASP A 25 -20.88 2.39 16.09
CA ASP A 25 -21.44 3.55 16.79
C ASP A 25 -20.43 4.64 17.19
N ASP A 26 -19.16 4.50 16.82
CA ASP A 26 -18.18 5.53 17.15
C ASP A 26 -18.52 6.85 16.45
N PRO A 27 -18.57 7.95 17.21
CA PRO A 27 -18.87 9.28 16.65
C PRO A 27 -17.61 9.78 15.95
N LEU A 28 -17.76 10.31 14.74
CA LEU A 28 -16.59 10.74 13.99
C LEU A 28 -16.64 12.14 13.41
N LEU A 29 -15.47 12.72 13.24
CA LEU A 29 -15.34 14.04 12.64
C LEU A 29 -14.52 13.79 11.39
N VAL A 30 -15.18 13.75 10.23
CA VAL A 30 -14.49 13.52 8.99
C VAL A 30 -13.93 14.82 8.45
N GLU A 31 -12.62 14.87 8.32
CA GLU A 31 -11.94 16.06 7.82
C GLU A 31 -11.89 16.07 6.31
N LEU A 32 -11.77 14.89 5.71
CA LEU A 32 -11.70 14.79 4.27
C LEU A 32 -12.39 13.56 3.67
N GLN A 33 -13.23 13.80 2.68
CA GLN A 33 -13.92 12.73 1.97
C GLN A 33 -13.19 12.65 0.63
N ALA A 34 -12.10 11.88 0.60
CA ALA A 34 -11.26 11.74 -0.58
C ALA A 34 -11.94 11.13 -1.80
N GLU A 35 -11.44 11.48 -2.98
CA GLU A 35 -11.98 10.99 -4.24
C GLU A 35 -11.89 9.47 -4.41
N ASP A 36 -10.92 8.85 -3.75
CA ASP A 36 -10.77 7.40 -3.85
C ASP A 36 -11.66 6.65 -2.85
N TYR A 37 -12.71 7.32 -2.38
CA TYR A 37 -13.66 6.71 -1.45
C TYR A 37 -13.13 6.34 -0.07
N TRP A 38 -12.12 7.06 0.41
CA TRP A 38 -11.59 6.83 1.74
C TRP A 38 -11.83 8.12 2.51
N TYR A 39 -12.17 8.00 3.79
CA TYR A 39 -12.39 9.18 4.62
C TYR A 39 -11.19 9.36 5.53
N GLU A 40 -10.82 10.62 5.77
CA GLU A 40 -9.73 10.94 6.66
C GLU A 40 -10.47 11.57 7.84
N ALA A 41 -10.31 10.99 9.02
CA ALA A 41 -11.06 11.50 10.15
C ALA A 41 -10.43 11.34 11.52
N TYR A 42 -11.16 11.86 12.50
CA TYR A 42 -10.79 11.84 13.90
C TYR A 42 -11.88 11.04 14.63
N ASN A 43 -11.47 10.04 15.42
CA ASN A 43 -12.42 9.24 16.18
C ASN A 43 -12.61 9.95 17.50
N ARG A 45 -14.20 9.14 20.10
CA ARG A 45 -14.22 8.29 21.28
C ARG A 45 -12.80 8.01 21.75
N THR A 46 -11.93 7.65 20.81
CA THR A 46 -10.54 7.31 21.10
C THR A 46 -9.56 8.46 20.94
N GLY A 47 -9.95 9.48 20.20
CA GLY A 47 -9.07 10.61 19.99
C GLY A 47 -8.02 10.33 18.91
N ALA A 48 -8.11 9.17 18.28
CA ALA A 48 -7.15 8.79 17.25
C ALA A 48 -7.54 9.38 15.89
N ARG A 49 -6.56 9.47 15.00
CA ARG A 49 -6.78 10.00 13.65
C ARG A 49 -6.29 8.98 12.63
N GLY A 50 -6.91 8.97 11.45
CA GLY A 50 -6.50 8.05 10.41
C GLY A 50 -7.54 7.99 9.29
N VAL A 51 -7.35 7.05 8.37
CA VAL A 51 -8.27 6.89 7.24
C VAL A 51 -9.03 5.58 7.33
N PHE A 52 -10.20 5.53 6.67
CA PHE A 52 -11.02 4.32 6.66
C PHE A 52 -11.92 4.34 5.42
N PRO A 53 -12.42 3.16 5.00
CA PRO A 53 -13.29 3.04 3.82
C PRO A 53 -14.57 3.82 4.05
N ALA A 54 -14.90 4.69 3.10
CA ALA A 54 -16.08 5.55 3.19
C ALA A 54 -17.40 4.91 3.63
N TYR A 55 -17.72 3.74 3.09
CA TYR A 55 -18.97 3.10 3.42
C TYR A 55 -19.11 2.56 4.84
N TYR A 56 -18.07 2.75 5.66
CA TYR A 56 -18.12 2.29 7.04
C TYR A 56 -18.77 3.30 7.99
N ALA A 57 -19.23 4.41 7.45
CA ALA A 57 -19.85 5.43 8.29
C ALA A 57 -21.01 6.11 7.59
N ILE A 58 -21.92 6.68 8.37
CA ILE A 58 -23.03 7.41 7.82
C ILE A 58 -22.87 8.87 8.26
N GLU A 59 -23.47 9.78 7.49
CA GLU A 59 -23.39 11.21 7.79
C GLU A 59 -24.52 11.61 8.73
N VAL A 60 -24.19 12.30 9.81
CA VAL A 60 -25.23 12.74 10.74
C VAL A 60 -25.89 13.99 10.16
N THR A 61 -27.20 14.07 10.29
CA THR A 61 -27.93 15.21 9.77
C THR A 61 -28.36 16.17 10.87
N LYS A 62 -27.80 15.98 12.06
CA LYS A 62 -28.11 16.83 13.20
C LYS A 62 -27.50 18.22 13.02
N GLY B 1 -15.26 -26.75 -10.34
CA GLY B 1 -14.68 -26.96 -8.98
C GLY B 1 -14.05 -25.68 -8.46
N SER B 2 -14.63 -25.11 -7.41
CA SER B 2 -14.18 -23.87 -6.80
C SER B 2 -14.89 -22.75 -7.55
N GLU B 3 -15.89 -22.16 -6.92
CA GLU B 3 -16.68 -21.12 -7.56
C GLU B 3 -16.86 -19.86 -6.71
N GLN B 4 -17.72 -18.97 -7.19
CA GLN B 4 -18.00 -17.70 -6.52
C GLN B 4 -18.55 -17.92 -5.12
N THR B 5 -18.12 -17.06 -4.19
CA THR B 5 -18.58 -17.16 -2.81
C THR B 5 -19.23 -15.86 -2.33
N HIS B 6 -18.81 -14.74 -2.90
CA HIS B 6 -19.36 -13.45 -2.52
C HIS B 6 -19.57 -12.50 -3.70
N ARG B 7 -20.06 -11.30 -3.38
CA ARG B 7 -20.33 -10.27 -4.37
C ARG B 7 -20.04 -8.90 -3.73
N ALA B 8 -19.27 -8.07 -4.42
CA ALA B 8 -18.95 -6.74 -3.91
C ALA B 8 -20.18 -5.83 -4.03
N ILE B 9 -20.45 -5.04 -2.99
CA ILE B 9 -21.61 -4.16 -3.03
C ILE B 9 -21.25 -2.67 -2.99
N PHE B 10 -19.99 -2.36 -2.69
CA PHE B 10 -19.52 -0.96 -2.64
C PHE B 10 -18.23 -0.81 -3.42
N ARG B 11 -18.03 0.38 -3.99
CA ARG B 11 -16.82 0.68 -4.74
C ARG B 11 -15.64 0.75 -3.77
N PHE B 12 -14.56 0.03 -4.05
CA PHE B 12 -13.38 0.06 -3.19
C PHE B 12 -12.14 0.33 -4.05
N VAL B 13 -11.55 1.51 -3.86
CA VAL B 13 -10.35 1.90 -4.58
C VAL B 13 -9.18 1.76 -3.61
N PRO B 14 -8.27 0.82 -3.87
CA PRO B 14 -7.11 0.58 -3.00
C PRO B 14 -6.22 1.78 -2.73
N ARG B 15 -5.69 1.84 -1.51
CA ARG B 15 -4.74 2.86 -1.13
C ARG B 15 -3.47 2.10 -0.82
N HIS B 16 -3.61 0.79 -0.60
CA HIS B 16 -2.48 -0.05 -0.25
C HIS B 16 -2.22 -1.20 -1.22
N GLU B 17 -0.93 -1.51 -1.38
CA GLU B 17 -0.47 -2.55 -2.30
C GLU B 17 -1.15 -3.92 -2.21
N ASP B 18 -1.50 -4.34 -1.00
CA ASP B 18 -2.11 -5.65 -0.80
C ASP B 18 -3.63 -5.70 -0.99
N GLU B 19 -4.24 -4.56 -1.26
CA GLU B 19 -5.69 -4.52 -1.42
C GLU B 19 -6.22 -4.87 -2.81
N LEU B 20 -7.45 -5.37 -2.82
CA LEU B 20 -8.14 -5.78 -4.03
C LEU B 20 -9.14 -4.72 -4.46
N GLU B 21 -8.98 -4.18 -5.67
CA GLU B 21 -9.91 -3.16 -6.14
C GLU B 21 -11.27 -3.78 -6.44
N LEU B 22 -12.33 -3.08 -6.04
CA LEU B 22 -13.67 -3.58 -6.25
C LEU B 22 -14.61 -2.60 -6.93
N GLU B 23 -15.40 -3.11 -7.85
N GLU B 23 -15.40 -3.11 -7.85
CA GLU B 23 -16.40 -2.31 -8.55
CA GLU B 23 -16.40 -2.33 -8.56
C GLU B 23 -17.72 -2.96 -8.13
C GLU B 23 -17.72 -2.96 -8.13
N VAL B 24 -18.75 -2.15 -7.95
CA VAL B 24 -20.04 -2.68 -7.53
C VAL B 24 -20.51 -3.90 -8.34
N ASP B 25 -20.94 -4.92 -7.61
CA ASP B 25 -21.44 -6.17 -8.16
C ASP B 25 -20.39 -7.13 -8.71
N ASP B 26 -19.12 -6.87 -8.40
CA ASP B 26 -18.05 -7.77 -8.88
C ASP B 26 -18.17 -9.14 -8.24
N PRO B 27 -18.06 -10.21 -9.05
CA PRO B 27 -18.12 -11.57 -8.51
C PRO B 27 -16.81 -11.88 -7.78
N LEU B 28 -16.91 -12.42 -6.57
CA LEU B 28 -15.73 -12.71 -5.78
C LEU B 28 -15.61 -14.14 -5.26
N LEU B 29 -14.37 -14.59 -5.13
CA LEU B 29 -14.07 -15.92 -4.60
C LEU B 29 -13.21 -15.61 -3.37
N VAL B 30 -13.83 -15.67 -2.20
CA VAL B 30 -13.14 -15.39 -0.95
C VAL B 30 -12.43 -16.61 -0.41
N GLU B 31 -11.12 -16.48 -0.21
CA GLU B 31 -10.27 -17.55 0.28
C GLU B 31 -10.26 -17.57 1.80
N LEU B 32 -10.29 -16.40 2.41
CA LEU B 32 -10.26 -16.30 3.86
C LEU B 32 -11.03 -15.11 4.40
N GLN B 33 -11.68 -15.33 5.54
CA GLN B 33 -12.43 -14.30 6.24
C GLN B 33 -11.62 -14.05 7.51
N ALA B 34 -10.52 -13.33 7.33
CA ALA B 34 -9.60 -13.01 8.43
C ALA B 34 -10.30 -12.54 9.71
N GLU B 35 -9.61 -12.75 10.82
CA GLU B 35 -10.10 -12.37 12.15
C GLU B 35 -10.28 -10.87 12.29
N ASP B 36 -9.42 -10.10 11.62
CA ASP B 36 -9.48 -8.65 11.71
C ASP B 36 -10.53 -8.04 10.79
N TYR B 37 -11.49 -8.86 10.35
CA TYR B 37 -12.57 -8.40 9.50
C TYR B 37 -12.19 -7.94 8.10
N TRP B 38 -11.15 -8.55 7.54
CA TRP B 38 -10.73 -8.25 6.18
C TRP B 38 -10.89 -9.55 5.41
N TYR B 39 -11.26 -9.46 4.14
CA TYR B 39 -11.42 -10.64 3.31
C TYR B 39 -10.26 -10.74 2.34
N GLU B 40 -9.77 -11.96 2.11
CA GLU B 40 -8.67 -12.18 1.17
C GLU B 40 -9.33 -12.96 0.03
N ALA B 41 -9.28 -12.41 -1.18
CA ALA B 41 -9.96 -13.07 -2.29
C ALA B 41 -9.49 -12.74 -3.67
N TYR B 42 -10.13 -13.39 -4.64
CA TYR B 42 -9.88 -13.17 -6.06
C TYR B 42 -11.07 -12.46 -6.65
N ASN B 43 -10.82 -11.41 -7.41
CA ASN B 43 -11.89 -10.68 -8.07
C ASN B 43 -12.04 -11.43 -9.39
N ARG B 45 -13.84 -10.93 -11.93
CA ARG B 45 -14.00 -10.13 -13.14
C ARG B 45 -12.65 -9.65 -13.65
N THR B 46 -11.84 -9.12 -12.74
CA THR B 46 -10.53 -8.60 -13.12
C THR B 46 -9.44 -9.66 -13.03
N GLY B 47 -9.70 -10.71 -12.25
CA GLY B 47 -8.72 -11.77 -12.10
C GLY B 47 -7.71 -11.46 -11.00
N ALA B 48 -7.73 -10.24 -10.48
CA ALA B 48 -6.79 -9.82 -9.45
C ALA B 48 -7.06 -10.46 -8.09
N ARG B 49 -6.04 -10.50 -7.25
CA ARG B 49 -6.16 -11.07 -5.91
C ARG B 49 -5.70 -10.01 -4.92
N GLY B 50 -6.30 -10.02 -3.72
CA GLY B 50 -5.94 -9.05 -2.70
C GLY B 50 -6.91 -9.05 -1.54
N VAL B 51 -6.80 -8.06 -0.65
CA VAL B 51 -7.67 -7.99 0.51
C VAL B 51 -8.58 -6.75 0.47
N PHE B 52 -9.69 -6.82 1.19
CA PHE B 52 -10.63 -5.70 1.25
C PHE B 52 -11.49 -5.82 2.51
N PRO B 53 -12.10 -4.69 2.93
CA PRO B 53 -12.96 -4.63 4.13
C PRO B 53 -14.16 -5.57 3.97
N ALA B 54 -14.32 -6.45 4.96
CA ALA B 54 -15.39 -7.45 4.96
C ALA B 54 -16.79 -6.96 4.56
N TYR B 55 -17.22 -5.84 5.09
CA TYR B 55 -18.56 -5.34 4.81
C TYR B 55 -18.79 -4.83 3.38
N TYR B 56 -17.76 -4.90 2.54
CA TYR B 56 -17.87 -4.46 1.15
C TYR B 56 -18.40 -5.57 0.27
N ALA B 57 -18.69 -6.72 0.87
CA ALA B 57 -19.20 -7.85 0.09
C ALA B 57 -20.26 -8.62 0.85
N ILE B 58 -21.15 -9.26 0.10
CA ILE B 58 -22.22 -10.07 0.69
C ILE B 58 -22.02 -11.51 0.23
N GLU B 59 -22.65 -12.44 0.92
CA GLU B 59 -22.53 -13.86 0.59
C GLU B 59 -23.45 -14.22 -0.57
N VAL B 60 -23.00 -15.15 -1.40
CA VAL B 60 -23.78 -15.62 -2.52
C VAL B 60 -24.22 -17.05 -2.14
N THR B 61 -25.46 -17.39 -2.46
CA THR B 61 -25.98 -18.71 -2.12
C THR B 61 -25.47 -19.78 -3.07
N LYS B 62 -24.75 -20.76 -2.53
CA LYS B 62 -24.19 -21.87 -3.30
C LYS B 62 -25.22 -22.45 -4.27
N SER C 2 49.18 13.29 -6.18
CA SER C 2 48.00 12.38 -6.21
C SER C 2 47.23 12.54 -7.52
N GLU C 3 47.39 11.57 -8.41
CA GLU C 3 46.72 11.61 -9.71
C GLU C 3 45.38 10.87 -9.70
N GLN C 4 45.17 10.08 -8.66
CA GLN C 4 43.95 9.30 -8.53
C GLN C 4 42.71 10.19 -8.50
N THR C 5 41.68 9.79 -9.24
CA THR C 5 40.43 10.54 -9.27
C THR C 5 39.28 9.71 -8.74
N HIS C 6 39.40 8.39 -8.84
CA HIS C 6 38.36 7.47 -8.40
C HIS C 6 38.89 6.20 -7.74
N ARG C 7 37.94 5.37 -7.31
CA ARG C 7 38.24 4.12 -6.66
C ARG C 7 37.13 3.12 -7.00
N ALA C 8 37.52 1.92 -7.39
CA ALA C 8 36.56 0.88 -7.76
C ALA C 8 35.87 0.37 -6.51
N ILE C 9 34.56 0.16 -6.58
CA ILE C 9 33.83 -0.33 -5.42
C ILE C 9 33.22 -1.72 -5.63
N PHE C 10 33.22 -2.20 -6.87
CA PHE C 10 32.70 -3.52 -7.19
C PHE C 10 33.69 -4.28 -8.06
N ARG C 11 33.71 -5.61 -7.92
CA ARG C 11 34.59 -6.45 -8.72
C ARG C 11 34.03 -6.44 -10.14
N PHE C 12 34.90 -6.19 -11.12
CA PHE C 12 34.46 -6.18 -12.51
C PHE C 12 35.37 -7.05 -13.37
N VAL C 13 34.81 -8.15 -13.86
CA VAL C 13 35.54 -9.08 -14.71
C VAL C 13 35.17 -8.82 -16.16
N PRO C 14 36.13 -8.34 -16.96
CA PRO C 14 35.82 -8.06 -18.36
C PRO C 14 35.37 -9.25 -19.18
N ARG C 15 34.52 -8.98 -20.17
CA ARG C 15 34.07 -9.98 -21.12
C ARG C 15 34.58 -9.48 -22.47
N HIS C 16 34.73 -8.17 -22.57
CA HIS C 16 35.17 -7.53 -23.80
C HIS C 16 36.61 -7.04 -23.77
N GLU C 17 37.23 -6.97 -24.96
CA GLU C 17 38.61 -6.54 -25.11
C GLU C 17 38.92 -5.13 -24.61
N ASP C 18 38.01 -4.20 -24.82
CA ASP C 18 38.22 -2.80 -24.43
C ASP C 18 38.04 -2.50 -22.94
N GLU C 19 37.52 -3.48 -22.18
CA GLU C 19 37.25 -3.27 -20.77
C GLU C 19 38.43 -3.37 -19.82
N LEU C 20 38.33 -2.62 -18.72
CA LEU C 20 39.36 -2.57 -17.70
C LEU C 20 38.95 -3.44 -16.51
N GLU C 21 39.78 -4.42 -16.16
CA GLU C 21 39.43 -5.28 -15.03
C GLU C 21 39.58 -4.51 -13.73
N LEU C 22 38.64 -4.72 -12.82
CA LEU C 22 38.66 -4.03 -11.54
C LEU C 22 38.50 -4.92 -10.33
N GLU C 23 39.26 -4.61 -9.29
N GLU C 23 39.26 -4.61 -9.29
CA GLU C 23 39.17 -5.33 -8.03
CA GLU C 23 39.20 -5.32 -8.02
C GLU C 23 38.73 -4.27 -7.02
C GLU C 23 38.72 -4.26 -7.03
N VAL C 24 37.95 -4.68 -6.03
CA VAL C 24 37.45 -3.75 -5.03
C VAL C 24 38.60 -2.92 -4.43
N ASP C 25 38.40 -1.61 -4.43
CA ASP C 25 39.36 -0.64 -3.90
C ASP C 25 40.53 -0.26 -4.81
N ASP C 26 40.50 -0.70 -6.05
CA ASP C 26 41.58 -0.35 -6.97
C ASP C 26 41.59 1.16 -7.22
N PRO C 27 42.76 1.79 -7.13
CA PRO C 27 42.86 3.23 -7.36
C PRO C 27 42.77 3.48 -8.86
N LEU C 28 41.94 4.44 -9.25
CA LEU C 28 41.74 4.71 -10.66
C LEU C 28 41.99 6.16 -11.09
N LEU C 29 42.41 6.31 -12.34
CA LEU C 29 42.61 7.63 -12.92
C LEU C 29 41.64 7.59 -14.10
N VAL C 30 40.49 8.22 -13.93
CA VAL C 30 39.49 8.26 -14.97
C VAL C 30 39.75 9.42 -15.91
N GLU C 31 40.10 9.10 -17.15
CA GLU C 31 40.42 10.11 -18.14
C GLU C 31 39.18 10.64 -18.85
N LEU C 32 38.13 9.83 -18.87
CA LEU C 32 36.91 10.25 -19.53
C LEU C 32 35.66 9.61 -18.97
N GLN C 33 34.68 10.47 -18.66
CA GLN C 33 33.40 10.01 -18.16
C GLN C 33 32.48 10.18 -19.38
N ALA C 34 32.46 9.14 -20.21
CA ALA C 34 31.68 9.15 -21.45
C ALA C 34 30.19 9.41 -21.27
N GLU C 35 29.58 9.96 -22.32
CA GLU C 35 28.16 10.27 -22.31
C GLU C 35 27.28 9.03 -22.22
N ASP C 36 27.83 7.88 -22.58
CA ASP C 36 27.06 6.64 -22.54
C ASP C 36 27.22 5.90 -21.22
N TYR C 37 27.69 6.62 -20.21
CA TYR C 37 27.85 6.09 -18.86
C TYR C 37 28.93 5.02 -18.67
N TRP C 38 29.98 5.09 -19.48
CA TRP C 38 31.11 4.19 -19.35
C TRP C 38 32.28 5.08 -19.00
N TYR C 39 33.16 4.62 -18.12
CA TYR C 39 34.34 5.39 -17.75
C TYR C 39 35.53 4.84 -18.52
N GLU C 40 36.42 5.71 -18.95
CA GLU C 40 37.61 5.27 -19.65
C GLU C 40 38.73 5.67 -18.70
N ALA C 41 39.47 4.67 -18.22
CA ALA C 41 40.49 4.94 -17.23
C ALA C 41 41.73 4.08 -17.25
N TYR C 42 42.58 4.38 -16.28
CA TYR C 42 43.84 3.70 -16.07
C TYR C 42 43.78 3.13 -14.65
N ASN C 43 44.07 1.84 -14.51
CA ASN C 43 44.05 1.18 -13.20
C ASN C 43 45.46 1.37 -12.64
N ARG C 45 46.80 0.34 -9.91
CA ARG C 45 47.40 -0.82 -9.24
C ARG C 45 47.99 -1.76 -10.28
N THR C 46 47.18 -2.12 -11.28
CA THR C 46 47.60 -3.05 -12.33
C THR C 46 48.33 -2.37 -13.48
N GLY C 47 48.20 -1.06 -13.58
CA GLY C 47 48.85 -0.34 -14.65
C GLY C 47 48.24 -0.70 -15.99
N ALA C 48 46.93 -0.92 -16.00
CA ALA C 48 46.23 -1.29 -17.23
C ALA C 48 45.25 -0.18 -17.61
N ARG C 49 44.85 -0.16 -18.87
CA ARG C 49 43.93 0.86 -19.34
C ARG C 49 42.71 0.18 -19.95
N GLY C 50 41.56 0.83 -19.84
CA GLY C 50 40.34 0.27 -20.39
C GLY C 50 39.09 0.99 -19.96
N VAL C 51 37.94 0.44 -20.32
CA VAL C 51 36.66 1.04 -19.99
C VAL C 51 35.86 0.13 -19.05
N PHE C 52 34.99 0.74 -18.24
CA PHE C 52 34.14 -0.01 -17.33
C PHE C 52 32.87 0.79 -17.05
N PRO C 53 31.82 0.12 -16.56
CA PRO C 53 30.53 0.75 -16.26
C PRO C 53 30.70 1.82 -15.16
N ALA C 54 30.24 3.03 -15.46
CA ALA C 54 30.36 4.17 -14.55
C ALA C 54 30.14 3.93 -13.06
N TYR C 55 29.05 3.26 -12.72
CA TYR C 55 28.72 3.06 -11.32
C TYR C 55 29.61 2.13 -10.51
N TYR C 56 30.64 1.57 -11.15
CA TYR C 56 31.58 0.68 -10.47
C TYR C 56 32.68 1.44 -9.73
N ALA C 57 32.64 2.76 -9.82
CA ALA C 57 33.65 3.58 -9.16
C ALA C 57 33.02 4.80 -8.49
N ILE C 58 33.72 5.31 -7.47
CA ILE C 58 33.29 6.50 -6.76
C ILE C 58 34.45 7.48 -6.82
N GLU C 59 34.16 8.76 -6.60
CA GLU C 59 35.20 9.77 -6.64
C GLU C 59 35.94 9.83 -5.31
N VAL C 60 37.24 10.10 -5.36
CA VAL C 60 38.03 10.21 -4.14
C VAL C 60 38.14 11.70 -3.85
N THR C 61 38.42 12.05 -2.61
CA THR C 61 38.53 13.46 -2.24
C THR C 61 39.93 13.81 -1.74
N LYS C 62 40.47 14.91 -2.24
CA LYS C 62 41.79 15.37 -1.84
C LYS C 62 41.74 15.79 -0.38
N GLY D 1 8.34 -14.18 -19.31
CA GLY D 1 7.70 -14.07 -17.98
C GLY D 1 7.06 -12.71 -17.77
N SER D 2 6.35 -12.57 -16.66
CA SER D 2 5.67 -11.32 -16.34
C SER D 2 5.91 -10.92 -14.89
N GLU D 3 6.72 -11.70 -14.19
CA GLU D 3 7.05 -11.43 -12.80
C GLU D 3 8.56 -11.22 -12.67
N GLN D 4 8.97 -9.96 -12.58
CA GLN D 4 10.39 -9.64 -12.50
C GLN D 4 11.14 -10.30 -11.35
N THR D 5 12.39 -10.69 -11.63
CA THR D 5 13.25 -11.31 -10.64
C THR D 5 14.19 -10.24 -10.09
N HIS D 6 14.43 -9.21 -10.90
CA HIS D 6 15.33 -8.13 -10.52
C HIS D 6 14.84 -6.79 -11.04
N ARG D 7 15.49 -5.73 -10.59
CA ARG D 7 15.15 -4.39 -11.03
C ARG D 7 16.45 -3.60 -11.19
N ALA D 8 16.58 -2.92 -12.32
CA ALA D 8 17.75 -2.12 -12.62
C ALA D 8 17.80 -0.88 -11.74
N ILE D 9 18.97 -0.59 -11.17
CA ILE D 9 19.11 0.58 -10.32
C ILE D 9 20.09 1.61 -10.87
N PHE D 10 20.73 1.29 -12.00
CA PHE D 10 21.68 2.21 -12.64
C PHE D 10 21.47 2.20 -14.15
N ARG D 11 21.72 3.32 -14.80
CA ARG D 11 21.58 3.44 -16.25
C ARG D 11 22.71 2.67 -16.93
N PHE D 12 22.39 1.88 -17.95
CA PHE D 12 23.42 1.14 -18.68
C PHE D 12 23.18 1.22 -20.18
N VAL D 13 24.13 1.81 -20.90
CA VAL D 13 24.04 1.97 -22.34
C VAL D 13 25.09 1.07 -22.98
N PRO D 14 24.66 0.02 -23.69
CA PRO D 14 25.56 -0.93 -24.35
C PRO D 14 26.61 -0.30 -25.27
N ARG D 15 27.79 -0.92 -25.30
CA ARG D 15 28.87 -0.51 -26.19
C ARG D 15 29.17 -1.76 -27.01
N HIS D 16 28.62 -2.89 -26.55
CA HIS D 16 28.82 -4.19 -27.20
C HIS D 16 27.51 -4.86 -27.59
N GLU D 17 27.56 -5.67 -28.65
CA GLU D 17 26.38 -6.36 -29.19
C GLU D 17 25.62 -7.31 -28.27
N ASP D 18 26.27 -7.85 -27.25
CA ASP D 18 25.64 -8.79 -26.34
C ASP D 18 25.02 -8.16 -25.10
N GLU D 19 25.23 -6.87 -24.92
CA GLU D 19 24.73 -6.17 -23.73
C GLU D 19 23.27 -5.73 -23.77
N LEU D 20 22.66 -5.69 -22.60
CA LEU D 20 21.26 -5.29 -22.46
C LEU D 20 21.16 -3.86 -21.95
N GLU D 21 20.48 -3.01 -22.70
CA GLU D 21 20.34 -1.61 -22.28
C GLU D 21 19.42 -1.52 -21.07
N LEU D 22 19.82 -0.70 -20.11
CA LEU D 22 19.04 -0.53 -18.89
C LEU D 22 18.77 0.92 -18.50
N GLU D 23 17.58 1.13 -17.97
N GLU D 23 17.58 1.14 -17.97
CA GLU D 23 17.14 2.44 -17.48
CA GLU D 23 17.18 2.45 -17.48
C GLU D 23 16.72 2.17 -16.04
C GLU D 23 16.72 2.18 -16.06
N VAL D 24 16.99 3.12 -15.15
CA VAL D 24 16.62 2.96 -13.76
C VAL D 24 15.15 2.56 -13.61
N ASP D 25 14.95 1.55 -12.76
CA ASP D 25 13.64 0.97 -12.44
C ASP D 25 13.09 -0.04 -13.44
N ASP D 26 13.89 -0.40 -14.46
CA ASP D 26 13.44 -1.38 -15.44
C ASP D 26 13.25 -2.74 -14.78
N PRO D 27 12.08 -3.36 -15.00
CA PRO D 27 11.75 -4.67 -14.45
C PRO D 27 12.53 -5.70 -15.29
N LEU D 28 13.26 -6.59 -14.64
CA LEU D 28 14.05 -7.58 -15.37
C LEU D 28 13.78 -9.02 -14.97
N LEU D 29 14.02 -9.92 -15.91
CA LEU D 29 13.89 -11.35 -15.67
C LEU D 29 15.28 -11.89 -15.94
N VAL D 30 16.02 -12.14 -14.87
CA VAL D 30 17.38 -12.66 -15.01
C VAL D 30 17.33 -14.16 -15.19
N GLU D 31 17.81 -14.61 -16.35
CA GLU D 31 17.80 -16.03 -16.68
C GLU D 31 19.11 -16.70 -16.28
N LEU D 32 20.19 -15.92 -16.21
CA LEU D 32 21.48 -16.48 -15.84
C LEU D 32 22.38 -15.49 -15.12
N GLN D 33 22.85 -15.89 -13.94
CA GLN D 33 23.76 -15.08 -13.15
C GLN D 33 25.10 -15.78 -13.28
N ALA D 34 25.92 -15.29 -14.22
CA ALA D 34 27.22 -15.87 -14.51
C ALA D 34 28.28 -15.71 -13.44
N GLU D 35 29.25 -16.61 -13.45
CA GLU D 35 30.35 -16.58 -12.49
C GLU D 35 31.23 -15.35 -12.63
N ASP D 36 31.29 -14.76 -13.83
CA ASP D 36 32.12 -13.59 -14.05
C ASP D 36 31.40 -12.29 -13.70
N TYR D 37 30.30 -12.41 -12.95
CA TYR D 37 29.51 -11.27 -12.49
C TYR D 37 28.80 -10.45 -13.56
N TRP D 38 28.32 -11.13 -14.59
CA TRP D 38 27.53 -10.51 -15.65
C TRP D 38 26.22 -11.28 -15.63
N TYR D 39 25.10 -10.58 -15.62
CA TYR D 39 23.80 -11.23 -15.62
C TYR D 39 23.27 -11.22 -17.05
N GLU D 40 22.57 -12.29 -17.43
CA GLU D 40 21.97 -12.40 -18.76
C GLU D 40 20.48 -12.26 -18.49
N ALA D 41 19.82 -11.34 -19.17
CA ALA D 41 18.41 -11.14 -18.88
C ALA D 41 17.53 -10.61 -20.00
N TYR D 42 16.25 -10.58 -19.69
CA TYR D 42 15.21 -10.09 -20.58
C TYR D 42 14.68 -8.82 -19.91
N ASN D 43 14.72 -7.69 -20.63
CA ASN D 43 14.22 -6.42 -20.10
C ASN D 43 12.73 -6.36 -20.39
N ARG D 45 10.63 -4.02 -20.06
CA ARG D 45 10.13 -2.77 -20.62
C ARG D 45 10.34 -2.76 -22.13
N THR D 46 11.57 -3.07 -22.55
CA THR D 46 11.93 -3.07 -23.95
C THR D 46 11.68 -4.37 -24.69
N GLY D 47 11.73 -5.49 -23.97
CA GLY D 47 11.53 -6.78 -24.62
C GLY D 47 12.85 -7.28 -25.19
N ALA D 48 13.92 -6.56 -24.92
CA ALA D 48 15.24 -6.93 -25.41
C ALA D 48 15.93 -7.89 -24.45
N ARG D 49 16.93 -8.60 -24.97
CA ARG D 49 17.70 -9.56 -24.18
C ARG D 49 19.19 -9.23 -24.29
N GLY D 50 19.93 -9.54 -23.24
CA GLY D 50 21.35 -9.26 -23.25
C GLY D 50 21.97 -9.42 -21.88
N VAL D 51 23.26 -9.08 -21.77
CA VAL D 51 23.96 -9.19 -20.50
C VAL D 51 24.25 -7.80 -19.94
N PHE D 52 24.44 -7.74 -18.62
CA PHE D 52 24.74 -6.47 -17.98
C PHE D 52 25.53 -6.74 -16.70
N PRO D 53 26.20 -5.72 -16.15
CA PRO D 53 27.00 -5.84 -14.92
C PRO D 53 26.12 -6.21 -13.73
N ALA D 54 26.49 -7.28 -13.04
CA ALA D 54 25.72 -7.78 -11.89
C ALA D 54 25.27 -6.74 -10.87
N TYR D 55 26.15 -5.80 -10.54
CA TYR D 55 25.83 -4.78 -9.55
C TYR D 55 24.87 -3.68 -10.00
N TYR D 56 24.35 -3.81 -11.23
CA TYR D 56 23.40 -2.82 -11.76
C TYR D 56 21.93 -3.18 -11.48
N ALA D 57 21.72 -4.25 -10.73
CA ALA D 57 20.36 -4.67 -10.41
C ALA D 57 20.25 -5.26 -9.02
N ILE D 58 19.05 -5.19 -8.45
CA ILE D 58 18.80 -5.77 -7.14
C ILE D 58 17.73 -6.82 -7.34
N GLU D 59 17.78 -7.88 -6.56
CA GLU D 59 16.80 -8.96 -6.68
C GLU D 59 15.51 -8.57 -5.95
N VAL D 60 14.38 -8.76 -6.62
CA VAL D 60 13.08 -8.44 -6.05
C VAL D 60 12.23 -9.68 -5.80
N GLU E 3 -32.38 -3.97 -17.62
CA GLU E 3 -32.81 -5.21 -16.89
C GLU E 3 -32.63 -5.01 -15.38
N GLN E 4 -31.68 -5.70 -14.78
CA GLN E 4 -31.42 -5.56 -13.36
C GLN E 4 -30.90 -4.16 -13.08
N THR E 5 -31.32 -3.57 -11.98
CA THR E 5 -30.88 -2.21 -11.62
C THR E 5 -30.26 -2.17 -10.23
N HIS E 6 -30.69 -3.08 -9.37
CA HIS E 6 -30.20 -3.13 -7.99
C HIS E 6 -29.92 -4.54 -7.51
N ARG E 7 -29.35 -4.63 -6.31
CA ARG E 7 -29.01 -5.89 -5.67
C ARG E 7 -29.37 -5.76 -4.19
N ALA E 8 -30.18 -6.69 -3.68
CA ALA E 8 -30.57 -6.67 -2.28
C ALA E 8 -29.36 -7.05 -1.43
N ILE E 9 -29.13 -6.32 -0.34
CA ILE E 9 -27.98 -6.63 0.51
C ILE E 9 -28.34 -7.12 1.90
N PHE E 10 -29.62 -7.04 2.24
CA PHE E 10 -30.09 -7.50 3.55
C PHE E 10 -31.36 -8.32 3.39
N ARG E 11 -31.57 -9.24 4.33
CA ARG E 11 -32.77 -10.07 4.33
C ARG E 11 -33.96 -9.20 4.73
N PHE E 12 -35.04 -9.27 3.97
CA PHE E 12 -36.25 -8.49 4.27
C PHE E 12 -37.46 -9.42 4.23
N VAL E 13 -38.03 -9.68 5.41
CA VAL E 13 -39.21 -10.53 5.55
C VAL E 13 -40.41 -9.60 5.70
N PRO E 14 -41.33 -9.62 4.73
CA PRO E 14 -42.51 -8.76 4.77
C PRO E 14 -43.39 -8.88 6.01
N ARG E 15 -43.95 -7.75 6.42
CA ARG E 15 -44.91 -7.69 7.53
C ARG E 15 -46.15 -6.99 6.97
N HIS E 16 -46.04 -6.50 5.74
CA HIS E 16 -47.14 -5.79 5.11
C HIS E 16 -47.52 -6.32 3.74
N GLU E 17 -48.80 -6.17 3.39
CA GLU E 17 -49.33 -6.68 2.13
C GLU E 17 -48.59 -6.28 0.85
N ASP E 18 -48.21 -5.01 0.74
CA ASP E 18 -47.54 -4.54 -0.47
C ASP E 18 -46.02 -4.73 -0.56
N GLU E 19 -45.41 -5.33 0.46
CA GLU E 19 -43.97 -5.51 0.46
C GLU E 19 -43.42 -6.66 -0.39
N LEU E 20 -42.17 -6.48 -0.82
CA LEU E 20 -41.48 -7.46 -1.63
C LEU E 20 -40.47 -8.17 -0.75
N GLU E 21 -40.58 -9.49 -0.65
CA GLU E 21 -39.65 -10.24 0.17
C GLU E 21 -38.27 -10.25 -0.48
N LEU E 22 -37.24 -10.11 0.35
CA LEU E 22 -35.88 -10.09 -0.16
C LEU E 22 -34.92 -11.01 0.55
N GLU E 23 -34.02 -11.60 -0.23
N GLU E 23 -34.02 -11.58 -0.23
CA GLU E 23 -32.98 -12.46 0.30
CA GLU E 23 -32.98 -12.47 0.26
C GLU E 23 -31.68 -11.82 -0.14
C GLU E 23 -31.68 -11.80 -0.13
N VAL E 24 -30.66 -11.92 0.71
CA VAL E 24 -29.37 -11.32 0.39
C VAL E 24 -28.89 -11.80 -0.99
N ASP E 25 -28.41 -10.85 -1.80
CA ASP E 25 -27.90 -11.10 -3.14
C ASP E 25 -28.97 -11.23 -4.22
N ASP E 26 -30.22 -10.93 -3.90
CA ASP E 26 -31.30 -11.03 -4.89
C ASP E 26 -31.19 -9.93 -5.95
N PRO E 27 -31.23 -10.32 -7.24
CA PRO E 27 -31.13 -9.35 -8.34
C PRO E 27 -32.48 -8.61 -8.38
N LEU E 28 -32.43 -7.29 -8.53
CA LEU E 28 -33.67 -6.52 -8.54
C LEU E 28 -33.84 -5.54 -9.70
N LEU E 29 -35.09 -5.35 -10.10
CA LEU E 29 -35.44 -4.41 -11.15
C LEU E 29 -36.35 -3.36 -10.51
N VAL E 30 -35.74 -2.26 -10.07
CA VAL E 30 -36.49 -1.19 -9.42
C VAL E 30 -37.20 -0.31 -10.45
N GLU E 31 -38.51 -0.15 -10.25
CA GLU E 31 -39.32 0.66 -11.16
C GLU E 31 -39.55 2.07 -10.65
N LEU E 32 -39.75 2.21 -9.34
CA LEU E 32 -40.00 3.52 -8.75
C LEU E 32 -39.29 3.71 -7.43
N GLN E 33 -38.90 4.96 -7.17
CA GLN E 33 -38.23 5.34 -5.94
C GLN E 33 -39.02 6.50 -5.33
N ALA E 34 -40.05 6.13 -4.56
CA ALA E 34 -40.93 7.10 -3.90
C ALA E 34 -40.20 8.08 -2.99
N GLU E 35 -40.87 9.20 -2.69
CA GLU E 35 -40.30 10.23 -1.83
C GLU E 35 -40.30 9.85 -0.36
N ASP E 36 -40.88 8.70 -0.03
CA ASP E 36 -40.88 8.25 1.36
C ASP E 36 -39.75 7.23 1.57
N TYR E 37 -38.85 7.17 0.60
CA TYR E 37 -37.68 6.30 0.65
C TYR E 37 -37.97 4.80 0.54
N TRP E 38 -39.03 4.45 -0.18
CA TRP E 38 -39.38 3.04 -0.40
C TRP E 38 -39.28 2.85 -1.91
N TYR E 39 -38.76 1.69 -2.33
CA TYR E 39 -38.65 1.41 -3.76
C TYR E 39 -39.69 0.38 -4.17
N GLU E 40 -40.21 0.54 -5.38
CA GLU E 40 -41.18 -0.42 -5.92
C GLU E 40 -40.37 -1.22 -6.91
N ALA E 41 -40.39 -2.54 -6.77
CA ALA E 41 -39.59 -3.35 -7.67
C ALA E 41 -40.08 -4.76 -7.95
N TYR E 42 -39.32 -5.43 -8.80
CA TYR E 42 -39.57 -6.79 -9.20
C TYR E 42 -38.37 -7.60 -8.74
N ASN E 43 -38.62 -8.67 -8.00
CA ASN E 43 -37.53 -9.52 -7.53
C ASN E 43 -37.30 -10.50 -8.66
N ARG E 45 -35.52 -13.04 -8.85
CA ARG E 45 -35.34 -14.43 -8.46
C ARG E 45 -36.71 -15.08 -8.27
N THR E 46 -37.53 -14.46 -7.43
CA THR E 46 -38.87 -14.97 -7.14
C THR E 46 -39.90 -14.56 -8.18
N GLY E 47 -39.66 -13.44 -8.84
CA GLY E 47 -40.59 -12.96 -9.84
C GLY E 47 -41.70 -12.11 -9.25
N ALA E 48 -41.66 -11.91 -7.93
CA ALA E 48 -42.67 -11.11 -7.25
C ALA E 48 -42.45 -9.61 -7.40
N ARG E 49 -43.48 -8.83 -7.07
CA ARG E 49 -43.39 -7.38 -7.14
C ARG E 49 -43.95 -6.74 -5.88
N GLY E 50 -43.28 -5.68 -5.41
CA GLY E 50 -43.71 -5.01 -4.21
C GLY E 50 -42.73 -3.93 -3.80
N VAL E 51 -42.93 -3.37 -2.62
CA VAL E 51 -42.06 -2.31 -2.12
C VAL E 51 -41.16 -2.80 -0.99
N PHE E 52 -40.04 -2.09 -0.80
CA PHE E 52 -39.09 -2.42 0.25
C PHE E 52 -38.33 -1.15 0.62
N PRO E 53 -37.73 -1.12 1.82
CA PRO E 53 -36.97 0.05 2.29
C PRO E 53 -35.79 0.31 1.36
N ALA E 54 -35.64 1.56 0.93
CA ALA E 54 -34.58 1.95 0.01
C ALA E 54 -33.18 1.46 0.36
N TYR E 55 -32.83 1.49 1.65
CA TYR E 55 -31.48 1.09 2.05
C TYR E 55 -31.16 -0.40 2.05
N TYR E 56 -32.14 -1.22 1.66
CA TYR E 56 -31.92 -2.66 1.61
C TYR E 56 -31.32 -3.12 0.29
N ALA E 57 -31.01 -2.17 -0.59
CA ALA E 57 -30.41 -2.53 -1.87
C ALA E 57 -29.40 -1.50 -2.33
N ILE E 58 -28.53 -1.91 -3.25
CA ILE E 58 -27.53 -1.02 -3.82
C ILE E 58 -27.79 -1.01 -5.32
N GLU E 59 -27.42 0.08 -5.97
CA GLU E 59 -27.62 0.22 -7.42
C GLU E 59 -26.44 -0.44 -8.13
N VAL E 60 -26.72 -1.15 -9.20
CA VAL E 60 -25.66 -1.82 -9.95
C VAL E 60 -25.53 -1.20 -11.34
N SER F 2 -30.43 6.15 31.40
CA SER F 2 -30.20 6.02 29.92
C SER F 2 -30.61 4.62 29.44
N GLU F 3 -31.78 4.52 28.84
CA GLU F 3 -32.30 3.24 28.37
C GLU F 3 -32.03 2.89 26.91
N GLN F 4 -31.38 3.81 26.19
CA GLN F 4 -31.08 3.58 24.78
C GLN F 4 -30.35 2.27 24.53
N THR F 5 -30.79 1.52 23.52
CA THR F 5 -30.18 0.25 23.18
C THR F 5 -29.61 0.28 21.76
N HIS F 6 -30.23 1.08 20.90
CA HIS F 6 -29.78 1.18 19.51
C HIS F 6 -29.81 2.62 19.01
N ARG F 7 -29.36 2.80 17.76
CA ARG F 7 -29.35 4.12 17.15
C ARG F 7 -29.67 3.95 15.67
N ALA F 8 -30.59 4.77 15.16
CA ALA F 8 -30.99 4.70 13.75
C ALA F 8 -29.84 5.19 12.89
N ILE F 9 -29.59 4.53 11.76
CA ILE F 9 -28.51 4.95 10.88
C ILE F 9 -28.99 5.42 9.51
N PHE F 10 -30.25 5.12 9.18
CA PHE F 10 -30.83 5.54 7.91
C PHE F 10 -32.21 6.15 8.12
N ARG F 11 -32.58 7.08 7.24
CA ARG F 11 -33.89 7.72 7.29
C ARG F 11 -34.96 6.68 6.96
N PHE F 12 -35.99 6.59 7.81
CA PHE F 12 -37.07 5.64 7.57
C PHE F 12 -38.41 6.36 7.72
N VAL F 13 -39.14 6.46 6.62
CA VAL F 13 -40.45 7.12 6.61
C VAL F 13 -41.52 6.03 6.49
N PRO F 14 -42.36 5.89 7.51
CA PRO F 14 -43.44 4.89 7.53
C PRO F 14 -44.38 4.95 6.33
N ARG F 15 -44.75 3.77 5.85
CA ARG F 15 -45.69 3.64 4.75
C ARG F 15 -46.87 2.88 5.32
N HIS F 16 -46.63 2.20 6.43
CA HIS F 16 -47.66 1.40 7.05
C HIS F 16 -48.05 1.86 8.44
N GLU F 17 -49.23 1.45 8.86
CA GLU F 17 -49.83 1.81 10.15
C GLU F 17 -49.02 1.49 11.41
N ASP F 18 -48.30 0.38 11.42
CA ASP F 18 -47.55 -0.02 12.61
C ASP F 18 -46.09 0.41 12.67
N GLU F 19 -45.64 1.17 11.67
CA GLU F 19 -44.25 1.57 11.62
C GLU F 19 -43.81 2.79 12.42
N LEU F 20 -42.54 2.76 12.82
CA LEU F 20 -41.91 3.82 13.61
C LEU F 20 -41.04 4.67 12.70
N GLU F 21 -41.29 5.98 12.66
CA GLU F 21 -40.49 6.85 11.82
C GLU F 21 -39.11 7.08 12.42
N LEU F 22 -38.11 7.10 11.54
CA LEU F 22 -36.73 7.28 11.99
C LEU F 22 -35.96 8.34 11.24
N GLU F 23 -35.16 9.09 11.99
N GLU F 23 -35.16 9.10 11.98
CA GLU F 23 -34.29 10.10 11.42
CA GLU F 23 -34.29 10.11 11.39
C GLU F 23 -32.88 9.64 11.78
C GLU F 23 -32.89 9.65 11.78
N VAL F 24 -31.92 9.94 10.92
CA VAL F 24 -30.55 9.53 11.18
C VAL F 24 -30.08 9.89 12.59
N ASP F 25 -29.46 8.93 13.25
CA ASP F 25 -28.91 9.09 14.59
C ASP F 25 -29.94 9.15 15.73
N ASP F 26 -31.20 8.86 15.44
CA ASP F 26 -32.22 8.88 16.48
C ASP F 26 -31.91 7.81 17.54
N PRO F 27 -32.03 8.15 18.83
CA PRO F 27 -31.75 7.18 19.89
C PRO F 27 -32.97 6.28 20.03
N LEU F 28 -32.75 4.97 20.08
CA LEU F 28 -33.85 4.03 20.17
C LEU F 28 -33.76 3.08 21.34
N LEU F 29 -34.92 2.64 21.82
CA LEU F 29 -35.01 1.67 22.89
C LEU F 29 -35.75 0.51 22.24
N VAL F 30 -34.99 -0.49 21.79
CA VAL F 30 -35.59 -1.65 21.14
C VAL F 30 -36.15 -2.61 22.16
N GLU F 31 -37.44 -2.87 22.06
CA GLU F 31 -38.15 -3.77 22.96
C GLU F 31 -38.05 -5.22 22.49
N LEU F 32 -38.04 -5.40 21.18
CA LEU F 32 -37.95 -6.75 20.64
C LEU F 32 -37.28 -6.79 19.28
N GLN F 33 -36.33 -7.72 19.14
CA GLN F 33 -35.64 -7.92 17.88
C GLN F 33 -36.29 -9.22 17.40
N ALA F 34 -37.35 -9.07 16.62
CA ALA F 34 -38.12 -10.21 16.11
C ALA F 34 -37.37 -11.12 15.15
N GLU F 35 -37.81 -12.38 15.08
CA GLU F 35 -37.21 -13.37 14.20
C GLU F 35 -37.35 -13.00 12.73
N ASP F 36 -38.35 -12.20 12.40
CA ASP F 36 -38.55 -11.81 11.01
C ASP F 36 -37.77 -10.55 10.64
N TYR F 37 -36.79 -10.21 11.46
CA TYR F 37 -35.94 -9.05 11.22
C TYR F 37 -36.59 -7.69 11.32
N TRP F 38 -37.65 -7.58 12.12
CA TRP F 38 -38.29 -6.30 12.36
C TRP F 38 -38.05 -6.04 13.83
N TYR F 39 -37.83 -4.78 14.19
CA TYR F 39 -37.62 -4.43 15.59
C TYR F 39 -38.81 -3.64 16.11
N GLU F 40 -39.25 -3.98 17.31
CA GLU F 40 -40.33 -3.23 17.95
C GLU F 40 -39.55 -2.24 18.81
N ALA F 41 -39.82 -0.95 18.65
CA ALA F 41 -39.05 0.02 19.42
C ALA F 41 -39.74 1.31 19.78
N TYR F 42 -39.05 2.06 20.63
CA TYR F 42 -39.48 3.36 21.12
C TYR F 42 -38.43 4.36 20.66
N ASN F 43 -38.85 5.39 19.94
CA ASN F 43 -37.93 6.42 19.48
C ASN F 43 -37.84 7.44 20.63
N ARG F 45 -36.35 10.21 20.90
CA ARG F 45 -36.37 11.62 20.54
C ARG F 45 -37.80 12.13 20.43
N THR F 46 -38.64 11.38 19.72
CA THR F 46 -40.02 11.78 19.50
C THR F 46 -41.03 11.18 20.47
N GLY F 47 -40.67 10.06 21.10
CA GLY F 47 -41.58 9.40 22.02
C GLY F 47 -42.52 8.45 21.29
N ALA F 48 -42.35 8.31 19.99
CA ALA F 48 -43.20 7.42 19.20
C ALA F 48 -42.71 5.99 19.28
N ARG F 49 -43.56 5.05 18.91
CA ARG F 49 -43.16 3.65 18.90
C ARG F 49 -43.78 2.91 17.73
N GLY F 50 -43.20 1.76 17.42
CA GLY F 50 -43.68 0.96 16.30
C GLY F 50 -42.56 0.07 15.83
N VAL F 51 -42.71 -0.51 14.65
CA VAL F 51 -41.68 -1.38 14.13
C VAL F 51 -40.93 -0.79 12.94
N PHE F 52 -39.72 -1.30 12.70
CA PHE F 52 -38.90 -0.85 11.58
C PHE F 52 -37.95 -1.99 11.22
N PRO F 53 -37.43 -1.99 9.97
CA PRO F 53 -36.51 -3.02 9.49
C PRO F 53 -35.21 -3.03 10.30
N ALA F 54 -34.79 -4.21 10.74
CA ALA F 54 -33.60 -4.37 11.57
C ALA F 54 -32.33 -3.64 11.15
N TYR F 55 -32.03 -3.67 9.86
CA TYR F 55 -30.81 -3.05 9.39
C TYR F 55 -30.75 -1.53 9.41
N TYR F 56 -31.83 -0.89 9.85
CA TYR F 56 -31.87 0.56 9.94
C TYR F 56 -31.31 1.05 11.27
N ALA F 57 -30.86 0.10 12.10
CA ALA F 57 -30.31 0.46 13.40
C ALA F 57 -29.07 -0.35 13.78
N ILE F 58 -28.24 0.23 14.65
CA ILE F 58 -27.04 -0.43 15.14
C ILE F 58 -27.12 -0.42 16.67
N GLU F 59 -26.40 -1.32 17.33
CA GLU F 59 -26.43 -1.37 18.79
C GLU F 59 -25.49 -0.30 19.36
N VAL F 60 -25.92 0.36 20.43
CA VAL F 60 -25.10 1.41 21.03
C VAL F 60 -24.12 0.86 22.05
N THR F 61 -23.14 1.69 22.43
CA THR F 61 -22.11 1.33 23.39
C THR F 61 -21.25 0.20 22.84
N GLU G 3 -0.01 7.33 -7.59
CA GLU G 3 0.65 8.27 -6.65
C GLU G 3 2.09 7.86 -6.33
N GLN G 4 2.44 6.60 -6.60
CA GLN G 4 3.79 6.13 -6.32
C GLN G 4 4.86 7.01 -6.98
N THR G 5 5.89 7.33 -6.21
N THR G 5 5.91 7.34 -6.23
CA THR G 5 6.98 8.18 -6.71
CA THR G 5 6.99 8.16 -6.76
C THR G 5 8.31 7.46 -6.73
C THR G 5 8.31 7.41 -6.77
N HIS G 6 8.50 6.52 -5.81
CA HIS G 6 9.74 5.75 -5.71
C HIS G 6 9.52 4.28 -5.34
N ARG G 7 10.61 3.53 -5.38
CA ARG G 7 10.58 2.12 -5.04
C ARG G 7 11.80 1.82 -4.17
N ALA G 8 11.59 1.12 -3.06
CA ALA G 8 12.70 0.79 -2.16
C ALA G 8 13.56 -0.28 -2.84
N ILE G 9 14.88 -0.14 -2.76
CA ILE G 9 15.76 -1.12 -3.38
C ILE G 9 16.58 -1.91 -2.37
N PHE G 10 16.62 -1.45 -1.12
CA PHE G 10 17.35 -2.16 -0.06
C PHE G 10 16.49 -2.28 1.19
N ARG G 11 16.66 -3.38 1.91
CA ARG G 11 15.96 -3.65 3.16
C ARG G 11 16.41 -2.60 4.18
N PHE G 12 15.45 -1.94 4.83
CA PHE G 12 15.80 -0.94 5.84
C PHE G 12 14.98 -1.22 7.09
N VAL G 13 15.66 -1.60 8.16
CA VAL G 13 15.03 -1.90 9.43
C VAL G 13 15.28 -0.75 10.40
N PRO G 14 14.21 -0.05 10.78
CA PRO G 14 14.33 1.08 11.71
C PRO G 14 15.03 0.80 13.04
N ARG G 15 15.85 1.76 13.46
N ARG G 15 15.86 1.76 13.44
CA ARG G 15 16.54 1.68 14.74
CA ARG G 15 16.59 1.70 14.70
C ARG G 15 16.06 2.88 15.55
C ARG G 15 16.09 2.88 15.53
N HIS G 16 15.52 3.87 14.84
CA HIS G 16 15.03 5.08 15.48
C HIS G 16 13.52 5.31 15.35
N GLU G 17 13.00 6.12 16.26
CA GLU G 17 11.58 6.44 16.35
C GLU G 17 10.89 6.99 15.10
N ASP G 18 11.58 7.84 14.35
CA ASP G 18 10.99 8.46 13.17
C ASP G 18 11.20 7.75 11.84
N GLU G 19 11.86 6.60 11.85
CA GLU G 19 12.16 5.88 10.62
C GLU G 19 11.06 5.04 10.00
N LEU G 20 11.08 4.95 8.67
CA LEU G 20 10.12 4.17 7.91
C LEU G 20 10.72 2.83 7.50
N GLU G 21 10.10 1.74 7.92
CA GLU G 21 10.61 0.42 7.57
C GLU G 21 10.43 0.14 6.08
N LEU G 22 11.43 -0.48 5.47
CA LEU G 22 11.36 -0.80 4.06
C LEU G 22 11.73 -2.22 3.71
N GLU G 23 10.98 -2.81 2.80
N GLU G 23 10.98 -2.81 2.80
CA GLU G 23 11.28 -4.15 2.32
CA GLU G 23 11.24 -4.16 2.31
C GLU G 23 11.57 -3.93 0.85
C GLU G 23 11.57 -3.92 0.84
N VAL G 24 12.49 -4.70 0.29
CA VAL G 24 12.86 -4.54 -1.11
C VAL G 24 11.65 -4.48 -2.03
N ASP G 25 11.67 -3.49 -2.93
CA ASP G 25 10.62 -3.25 -3.91
C ASP G 25 9.32 -2.64 -3.37
N ASP G 26 9.35 -2.17 -2.12
CA ASP G 26 8.16 -1.53 -1.55
C ASP G 26 7.79 -0.28 -2.35
N PRO G 27 6.49 -0.09 -2.62
CA PRO G 27 6.05 1.10 -3.36
C PRO G 27 6.05 2.27 -2.38
N LEU G 28 6.65 3.39 -2.80
CA LEU G 28 6.76 4.56 -1.93
C LEU G 28 6.27 5.86 -2.54
N LEU G 29 5.72 6.72 -1.68
CA LEU G 29 5.26 8.04 -2.09
C LEU G 29 6.11 8.97 -1.25
N VAL G 30 7.16 9.52 -1.84
CA VAL G 30 8.05 10.41 -1.14
C VAL G 30 7.47 11.81 -1.08
N GLU G 31 7.18 12.26 0.14
CA GLU G 31 6.60 13.58 0.37
C GLU G 31 7.64 14.68 0.37
N LEU G 32 8.87 14.34 0.75
CA LEU G 32 9.94 15.32 0.76
C LEU G 32 11.30 14.66 0.64
N GLN G 33 12.10 15.18 -0.29
CA GLN G 33 13.46 14.72 -0.48
C GLN G 33 14.22 15.84 0.21
N ALA G 34 14.49 15.68 1.50
CA ALA G 34 15.16 16.72 2.29
C ALA G 34 16.62 16.95 1.90
N GLU G 35 17.11 18.15 2.21
CA GLU G 35 18.47 18.52 1.87
C GLU G 35 19.56 17.70 2.54
N ASP G 36 19.22 17.00 3.62
CA ASP G 36 20.20 16.18 4.32
C ASP G 36 20.19 14.73 3.86
N TYR G 37 19.59 14.51 2.70
CA TYR G 37 19.52 13.20 2.06
C TYR G 37 18.70 12.15 2.78
N TRP G 38 17.65 12.59 3.45
CA TRP G 38 16.72 11.68 4.10
C TRP G 38 15.41 11.98 3.40
N TYR G 39 14.62 10.95 3.13
CA TYR G 39 13.33 11.18 2.47
C TYR G 39 12.20 10.96 3.46
N GLU G 40 11.26 11.89 3.50
CA GLU G 40 10.08 11.76 4.36
C GLU G 40 9.11 11.06 3.41
N ALA G 41 8.61 9.90 3.79
CA ALA G 41 7.75 9.15 2.88
C ALA G 41 6.63 8.35 3.50
N TYR G 42 5.79 7.82 2.62
CA TYR G 42 4.64 6.99 2.96
C TYR G 42 4.83 5.64 2.24
N ASN G 43 4.85 4.56 3.00
CA ASN G 43 5.02 3.22 2.43
C ASN G 43 3.64 2.76 1.97
N ARG G 45 2.65 -0.06 0.95
CA ARG G 45 2.31 -1.44 1.28
C ARG G 45 1.81 -1.52 2.72
N THR G 46 2.53 -0.87 3.63
CA THR G 46 2.20 -0.88 5.04
C THR G 46 1.31 0.26 5.53
N GLY G 47 1.29 1.36 4.78
CA GLY G 47 0.50 2.51 5.16
C GLY G 47 1.24 3.37 6.17
N ALA G 48 2.47 2.98 6.49
CA ALA G 48 3.28 3.73 7.45
C ALA G 48 3.96 4.95 6.85
N ARG G 49 4.36 5.87 7.73
CA ARG G 49 5.08 7.08 7.29
C ARG G 49 6.34 7.23 8.13
N GLY G 50 7.33 7.90 7.57
CA GLY G 50 8.57 8.11 8.30
C GLY G 50 9.68 8.51 7.36
N VAL G 51 10.91 8.53 7.85
CA VAL G 51 12.03 8.92 7.02
C VAL G 51 12.97 7.75 6.78
N PHE G 52 13.73 7.81 5.70
CA PHE G 52 14.70 6.78 5.37
C PHE G 52 15.82 7.41 4.53
N PRO G 53 16.98 6.75 4.47
CA PRO G 53 18.13 7.24 3.70
C PRO G 53 17.85 7.28 2.20
N ALA G 54 18.11 8.44 1.59
CA ALA G 54 17.85 8.66 0.16
C ALA G 54 18.29 7.56 -0.79
N TYR G 55 19.47 6.99 -0.55
CA TYR G 55 19.98 5.96 -1.45
C TYR G 55 19.29 4.60 -1.39
N TYR G 56 18.31 4.46 -0.50
CA TYR G 56 17.58 3.21 -0.38
C TYR G 56 16.40 3.13 -1.34
N ALA G 57 16.21 4.15 -2.16
CA ALA G 57 15.10 4.14 -3.11
C ALA G 57 15.46 4.75 -4.46
N ILE G 58 14.70 4.35 -5.48
CA ILE G 58 14.90 4.90 -6.82
C ILE G 58 13.56 5.42 -7.32
N GLU G 59 13.60 6.36 -8.26
N GLU G 59 13.60 6.36 -8.26
CA GLU G 59 12.38 6.92 -8.82
CA GLU G 59 12.39 6.92 -8.84
C GLU G 59 11.78 5.91 -9.79
C GLU G 59 11.78 5.91 -9.79
N VAL G 60 10.46 5.79 -9.78
CA VAL G 60 9.78 4.85 -10.66
C VAL G 60 9.38 5.42 -12.01
N THR G 61 9.15 4.53 -12.96
CA THR G 61 8.71 4.86 -14.31
C THR G 61 7.68 3.77 -14.58
N LYS G 62 6.91 3.91 -15.66
CA LYS G 62 5.92 2.89 -16.01
C LYS G 62 5.00 3.36 -17.13
N GLU H 3 43.47 -2.13 10.02
CA GLU H 3 43.21 -1.02 9.05
C GLU H 3 41.77 -1.05 8.56
N GLN H 4 41.44 -0.15 7.64
CA GLN H 4 40.09 -0.05 7.08
C GLN H 4 39.52 -1.39 6.62
N THR H 5 38.24 -1.60 6.92
CA THR H 5 37.55 -2.82 6.52
C THR H 5 36.54 -2.49 5.43
N HIS H 6 36.00 -1.27 5.47
CA HIS H 6 35.00 -0.83 4.51
C HIS H 6 35.28 0.57 4.01
N ARG H 7 34.50 0.98 3.02
CA ARG H 7 34.61 2.32 2.45
C ARG H 7 33.19 2.78 2.14
N ALA H 8 32.87 4.01 2.55
CA ALA H 8 31.55 4.58 2.31
C ALA H 8 31.40 4.92 0.83
N ILE H 9 30.23 4.63 0.26
CA ILE H 9 30.01 4.90 -1.15
C ILE H 9 28.95 5.97 -1.41
N PHE H 10 28.23 6.35 -0.36
CA PHE H 10 27.20 7.39 -0.48
C PHE H 10 27.34 8.33 0.71
N ARG H 11 26.91 9.57 0.52
N ARG H 11 26.96 9.59 0.53
CA ARG H 11 26.96 10.59 1.56
CA ARG H 11 27.06 10.53 1.62
C ARG H 11 25.86 10.31 2.59
C ARG H 11 25.91 10.26 2.58
N PHE H 12 26.21 10.25 3.87
CA PHE H 12 25.22 10.00 4.91
C PHE H 12 25.30 11.11 5.96
N VAL H 13 24.20 11.86 6.11
CA VAL H 13 24.12 12.95 7.07
C VAL H 13 23.23 12.47 8.23
N PRO H 14 23.79 12.36 9.43
CA PRO H 14 23.00 11.89 10.57
C PRO H 14 21.80 12.77 10.93
N ARG H 15 20.77 12.10 11.43
CA ARG H 15 19.55 12.75 11.90
C ARG H 15 19.35 12.20 13.31
N HIS H 16 20.17 11.21 13.67
CA HIS H 16 20.06 10.58 14.97
C HIS H 16 21.35 10.61 15.79
N GLU H 17 21.20 10.67 17.11
CA GLU H 17 22.31 10.75 18.03
C GLU H 17 23.45 9.74 17.85
N ASP H 18 23.10 8.47 17.69
CA ASP H 18 24.11 7.41 17.56
C ASP H 18 24.69 7.18 16.17
N GLU H 19 24.33 8.00 15.20
CA GLU H 19 24.82 7.79 13.84
C GLU H 19 26.19 8.36 13.50
N LEU H 20 26.82 7.77 12.49
CA LEU H 20 28.13 8.17 12.02
C LEU H 20 28.04 8.89 10.68
N GLU H 21 28.51 10.13 10.64
CA GLU H 21 28.46 10.89 9.39
C GLU H 21 29.43 10.32 8.37
N LEU H 22 28.98 10.24 7.12
CA LEU H 22 29.81 9.69 6.06
C LEU H 22 29.88 10.58 4.82
N GLU H 23 31.06 10.62 4.21
CA GLU H 23 31.29 11.34 2.96
C GLU H 23 31.74 10.22 2.02
N VAL H 24 31.47 10.37 0.73
CA VAL H 24 31.85 9.36 -0.24
C VAL H 24 33.35 9.07 -0.14
N ASP H 25 33.70 7.79 -0.14
CA ASP H 25 35.07 7.32 -0.07
C ASP H 25 35.73 7.27 1.31
N ASP H 26 34.98 7.62 2.36
CA ASP H 26 35.54 7.58 3.70
C ASP H 26 35.95 6.17 4.09
N PRO H 27 37.18 6.01 4.61
CA PRO H 27 37.64 4.68 5.04
C PRO H 27 37.03 4.37 6.39
N LEU H 28 36.44 3.19 6.51
CA LEU H 28 35.78 2.80 7.74
C LEU H 28 36.36 1.53 8.36
N LEU H 29 36.28 1.48 9.69
CA LEU H 29 36.73 0.34 10.46
C LEU H 29 35.42 -0.15 11.08
N VAL H 30 34.81 -1.14 10.45
CA VAL H 30 33.53 -1.67 10.92
C VAL H 30 33.71 -2.72 11.99
N GLU H 31 33.22 -2.40 13.17
CA GLU H 31 33.32 -3.28 14.31
C GLU H 31 32.40 -4.48 14.13
N LEU H 32 31.31 -4.28 13.39
CA LEU H 32 30.40 -5.37 13.12
C LEU H 32 29.14 -5.00 12.34
N GLN H 33 28.68 -5.99 11.58
CA GLN H 33 27.49 -5.87 10.75
C GLN H 33 26.28 -6.41 11.55
N ALA H 34 25.63 -5.51 12.28
CA ALA H 34 24.47 -5.85 13.10
C ALA H 34 23.39 -6.64 12.36
N GLU H 35 22.51 -7.24 13.14
CA GLU H 35 21.44 -8.04 12.57
C GLU H 35 20.42 -7.20 11.81
N ASP H 36 20.11 -6.01 12.31
N ASP H 36 20.09 -6.01 12.32
CA ASP H 36 19.14 -5.13 11.67
CA ASP H 36 19.11 -5.17 11.63
C ASP H 36 19.70 -4.31 10.52
C ASP H 36 19.68 -4.33 10.50
N TYR H 37 20.76 -4.81 9.89
CA TYR H 37 21.40 -4.12 8.77
C TYR H 37 21.92 -2.72 9.05
N TRP H 38 22.42 -2.49 10.25
CA TRP H 38 23.03 -1.22 10.60
C TRP H 38 24.45 -1.58 11.03
N TYR H 39 25.44 -0.89 10.47
CA TYR H 39 26.82 -1.15 10.83
C TYR H 39 27.22 -0.17 11.93
N GLU H 40 28.12 -0.62 12.80
CA GLU H 40 28.62 0.22 13.87
C GLU H 40 30.09 0.32 13.49
N ALA H 41 30.58 1.54 13.29
CA ALA H 41 31.97 1.68 12.88
C ALA H 41 32.69 2.95 13.31
N TYR H 42 33.97 2.99 12.98
CA TYR H 42 34.86 4.11 13.27
C TYR H 42 35.22 4.72 11.92
N ASN H 43 35.03 6.03 11.79
CA ASN H 43 35.36 6.73 10.56
C ASN H 43 36.81 7.15 10.70
N ARG H 45 38.61 8.95 8.83
CA ARG H 45 38.93 10.31 8.40
C ARG H 45 38.58 11.31 9.50
N THR H 46 37.33 11.24 9.95
CA THR H 46 36.82 12.14 10.97
C THR H 46 37.16 11.72 12.40
N GLY H 47 37.44 10.43 12.57
CA GLY H 47 37.77 9.92 13.90
C GLY H 47 36.56 9.67 14.77
N ALA H 48 35.37 9.86 14.22
CA ALA H 48 34.12 9.66 14.96
C ALA H 48 33.66 8.21 14.93
N ARG H 49 32.73 7.88 15.82
CA ARG H 49 32.16 6.54 15.88
C ARG H 49 30.64 6.60 15.90
N GLY H 50 30.01 5.62 15.27
CA GLY H 50 28.56 5.59 15.24
C GLY H 50 28.02 4.50 14.35
N VAL H 51 26.72 4.53 14.09
CA VAL H 51 26.10 3.54 13.24
C VAL H 51 25.62 4.18 11.94
N PHE H 52 25.44 3.36 10.91
CA PHE H 52 24.96 3.84 9.62
C PHE H 52 24.32 2.66 8.87
N PRO H 53 23.46 2.95 7.88
CA PRO H 53 22.76 1.92 7.09
C PRO H 53 23.77 1.07 6.32
N ALA H 54 23.68 -0.25 6.49
CA ALA H 54 24.62 -1.18 5.87
C ALA H 54 24.96 -0.96 4.41
N TYR H 55 23.96 -0.64 3.59
CA TYR H 55 24.19 -0.46 2.17
C TYR H 55 24.94 0.79 1.74
N TYR H 56 25.36 1.60 2.71
CA TYR H 56 26.11 2.81 2.40
C TYR H 56 27.61 2.53 2.33
N ALA H 57 28.00 1.26 2.49
CA ALA H 57 29.42 0.92 2.43
C ALA H 57 29.68 -0.45 1.81
N ILE H 58 30.86 -0.61 1.23
CA ILE H 58 31.25 -1.88 0.63
C ILE H 58 32.50 -2.36 1.37
N GLU H 59 32.66 -3.67 1.47
CA GLU H 59 33.80 -4.25 2.17
C GLU H 59 35.05 -4.20 1.29
N VAL H 60 36.17 -3.77 1.87
CA VAL H 60 37.42 -3.67 1.13
C VAL H 60 38.51 -4.58 1.70
N THR H 61 38.15 -5.36 2.72
CA THR H 61 39.10 -6.27 3.35
C THR H 61 39.65 -7.24 2.30
N LYS H 62 40.98 -7.25 2.15
CA LYS H 62 41.65 -8.12 1.19
C LYS H 62 41.16 -7.89 -0.23
#